data_5M3Z
#
_entry.id   5M3Z
#
_cell.length_a   56.513
_cell.length_b   123.019
_cell.length_c   127.577
_cell.angle_alpha   90.00
_cell.angle_beta   90.00
_cell.angle_gamma   90.00
#
_symmetry.space_group_name_H-M   'I 2 2 2'
#
loop_
_entity.id
_entity.type
_entity.pdbx_description
1 polymer 'Methionine gamma-lyase'
2 non-polymer "PYRIDOXAL-5'-PHOSPHATE"
3 non-polymer NORLEUCINE
4 non-polymer 'TRIETHYLENE GLYCOL'
5 non-polymer '2-[O-PHOSPHONOPYRIDOXYL]-AMINO-HEXANOIC ACID'
6 water water
#
_entity_poly.entity_id   1
_entity_poly.type   'polypeptide(L)'
_entity_poly.pdbx_seq_one_letter_code
;MSD(CSO)RTYGFNTQIVHAGQQPDPSTGALSTPIFQTSTFVFDSAEQGAARFALEESGYIYTRLGNPTTDALEKKLAVL
ERGEAGLATASGISAITTTLLTLCQQGDHIVSASAIYGHTHAFLSHSMPKFGINVSFVDAAKPEEIRAAMRPETKVVYIE
TPANPTLSLVDIETVAGIAHQQGALLVVDNTFMSPYCQQPLQLGADIVVHSVTKYINGHGDVIGGIIVGKQEFIDQARFV
GLKDITGGCMSPFNAWLTLRGVKTLGIRMERHCENALKIARFLEGHPSITRVYYPGLSSHPQYELGQRQMSLPGGIISFE
IAGGLEAGRRMINSVELCLLAVSLGDTETLIQHPASMTHSPVAPEERLKAGITDGLIRLSVGLEDPEDIINDLEHAIRKA
TF
;
_entity_poly.pdbx_strand_id   A
#
# COMPACT_ATOMS: atom_id res chain seq x y z
N ASP A 3 9.18 -10.29 24.94
CA ASP A 3 9.55 -9.75 23.56
C ASP A 3 8.35 -9.99 22.62
N ARG A 5 8.20 -9.79 19.50
CA ARG A 5 8.46 -10.54 18.29
C ARG A 5 8.23 -12.03 18.48
N THR A 6 8.02 -12.47 19.75
CA THR A 6 7.73 -13.90 20.00
C THR A 6 6.27 -14.39 19.98
N TYR A 7 5.32 -13.48 20.00
CA TYR A 7 3.94 -13.94 20.10
C TYR A 7 3.36 -14.23 18.71
N GLY A 8 2.16 -14.81 18.68
CA GLY A 8 1.40 -15.02 17.48
C GLY A 8 1.08 -13.71 16.78
N PHE A 9 0.72 -13.75 15.51
CA PHE A 9 0.55 -12.56 14.73
C PHE A 9 -0.62 -11.70 15.17
N ASN A 10 -1.73 -12.34 15.59
CA ASN A 10 -2.87 -11.54 16.12
C ASN A 10 -2.45 -10.86 17.41
N THR A 11 -1.72 -11.57 18.27
CA THR A 11 -1.21 -10.99 19.50
C THR A 11 -0.30 -9.78 19.18
N GLN A 12 0.55 -9.93 18.15
CA GLN A 12 1.41 -8.82 17.75
C GLN A 12 0.62 -7.65 17.19
N ILE A 13 -0.39 -7.91 16.40
CA ILE A 13 -1.23 -6.87 15.89
C ILE A 13 -1.74 -6.01 17.09
N VAL A 14 -2.20 -6.67 18.14
CA VAL A 14 -2.78 -5.95 19.25
C VAL A 14 -1.70 -5.27 20.09
N HIS A 15 -0.57 -5.95 20.36
CA HIS A 15 0.36 -5.50 21.39
C HIS A 15 1.70 -4.91 20.91
N ALA A 16 2.19 -5.33 19.73
CA ALA A 16 3.54 -4.96 19.41
C ALA A 16 3.70 -3.42 19.31
N GLY A 17 4.81 -2.91 19.81
CA GLY A 17 5.08 -1.52 19.77
C GLY A 17 4.40 -0.69 20.86
N GLN A 18 3.57 -1.37 21.66
CA GLN A 18 2.73 -0.65 22.63
C GLN A 18 2.88 -1.27 24.01
N GLN A 19 2.70 -0.45 25.02
CA GLN A 19 2.65 -0.91 26.40
CA GLN A 19 2.61 -0.93 26.39
C GLN A 19 1.90 0.16 27.19
N PRO A 20 1.46 -0.18 28.41
CA PRO A 20 0.81 0.86 29.26
C PRO A 20 1.80 2.01 29.51
N ASP A 21 1.27 3.21 29.59
CA ASP A 21 2.11 4.39 29.85
C ASP A 21 2.86 4.21 31.14
N PRO A 22 4.19 4.45 31.13
CA PRO A 22 4.93 4.17 32.35
C PRO A 22 4.58 5.04 33.54
N SER A 23 4.24 6.28 33.30
CA SER A 23 4.06 7.23 34.38
C SER A 23 2.67 7.08 35.02
N THR A 24 1.65 6.64 34.27
CA THR A 24 0.26 6.64 34.68
C THR A 24 -0.43 5.30 34.58
N GLY A 25 0.10 4.37 33.82
CA GLY A 25 -0.63 3.13 33.53
C GLY A 25 -1.68 3.20 32.46
N ALA A 26 -1.87 4.34 31.79
CA ALA A 26 -2.91 4.44 30.75
C ALA A 26 -2.71 3.33 29.73
N LEU A 27 -3.76 2.62 29.40
CA LEU A 27 -3.60 1.52 28.49
C LEU A 27 -3.48 2.02 27.04
N SER A 28 -4.40 2.87 26.58
CA SER A 28 -4.25 3.48 25.27
C SER A 28 -2.92 4.25 25.21
N THR A 29 -2.27 4.13 24.06
CA THR A 29 -1.06 4.94 23.86
C THR A 29 -1.53 6.40 23.94
N PRO A 30 -0.87 7.21 24.77
CA PRO A 30 -1.30 8.64 24.87
C PRO A 30 -1.10 9.33 23.52
N ILE A 31 -1.91 10.30 23.21
CA ILE A 31 -1.71 11.14 22.05
C ILE A 31 -0.74 12.25 22.43
N PHE A 32 0.51 12.14 22.03
CA PHE A 32 1.53 13.12 22.34
C PHE A 32 1.44 14.22 21.27
N GLN A 33 0.38 15.02 21.32
CA GLN A 33 0.10 16.03 20.34
C GLN A 33 0.87 17.26 20.78
N THR A 34 2.20 17.23 20.49
CA THR A 34 3.14 18.24 20.92
C THR A 34 4.05 18.55 19.76
N SER A 35 4.58 19.76 19.73
CA SER A 35 5.65 20.07 18.79
C SER A 35 6.96 19.91 19.52
N THR A 36 7.14 20.43 20.71
N THR A 36 6.92 20.32 20.80
CA THR A 36 8.44 20.23 21.28
CA THR A 36 8.04 20.73 21.66
C THR A 36 8.41 19.58 22.62
C THR A 36 8.35 19.61 22.69
N PHE A 37 9.62 19.32 23.01
CA PHE A 37 9.98 18.47 24.13
C PHE A 37 11.00 19.23 24.94
N VAL A 38 10.90 19.18 26.25
CA VAL A 38 11.72 19.89 27.13
C VAL A 38 12.82 19.02 27.65
N PHE A 39 14.01 19.61 27.82
CA PHE A 39 15.15 18.96 28.44
C PHE A 39 15.31 19.33 29.93
N ASP A 40 15.85 18.42 30.73
CA ASP A 40 16.17 18.73 32.16
C ASP A 40 17.34 19.58 32.36
N SER A 41 18.25 19.59 31.39
CA SER A 41 19.49 20.34 31.52
C SER A 41 20.09 20.59 30.16
N ALA A 42 21.06 21.50 30.12
CA ALA A 42 21.84 21.69 28.89
C ALA A 42 22.40 20.36 28.40
N GLU A 43 22.94 19.60 29.36
CA GLU A 43 23.59 18.31 29.09
C GLU A 43 22.67 17.28 28.47
N GLN A 44 21.44 17.25 28.94
CA GLN A 44 20.48 16.28 28.36
C GLN A 44 20.11 16.68 26.93
N GLY A 45 20.05 18.01 26.68
CA GLY A 45 19.73 18.59 25.32
C GLY A 45 20.82 18.20 24.34
N ALA A 46 22.06 18.41 24.74
CA ALA A 46 23.24 17.97 23.98
C ALA A 46 23.28 16.45 23.74
N ALA A 47 23.07 15.70 24.82
CA ALA A 47 23.12 14.24 24.70
C ALA A 47 22.15 13.74 23.62
N ARG A 48 21.06 14.45 23.36
CA ARG A 48 20.08 13.95 22.36
C ARG A 48 20.41 14.33 20.94
N PHE A 49 20.88 15.56 20.75
CA PHE A 49 21.15 16.07 19.42
C PHE A 49 22.25 15.32 18.66
N ALA A 50 23.33 14.96 19.35
CA ALA A 50 24.43 14.27 18.66
C ALA A 50 24.06 12.81 18.38
N LEU A 51 22.81 12.42 18.68
CA LEU A 51 22.39 11.01 18.67
C LEU A 51 23.29 10.20 19.62
N GLU A 52 23.71 10.85 20.72
CA GLU A 52 24.58 10.24 21.75
C GLU A 52 23.77 9.64 22.92
N GLU A 53 22.47 9.94 22.99
CA GLU A 53 21.61 9.42 24.05
C GLU A 53 20.18 9.43 23.50
N SER A 54 19.37 8.46 23.93
CA SER A 54 18.02 8.31 23.41
C SER A 54 17.04 9.28 24.10
N GLY A 55 15.85 9.39 23.53
CA GLY A 55 14.85 10.37 23.95
C GLY A 55 14.37 11.23 22.78
N TYR A 56 13.45 12.14 23.09
CA TYR A 56 12.74 13.00 22.09
C TYR A 56 13.25 14.44 22.14
N ILE A 57 13.06 15.11 21.01
CA ILE A 57 13.58 16.47 20.81
C ILE A 57 12.44 17.34 20.23
N TYR A 58 11.81 16.84 19.16
CA TYR A 58 10.93 17.63 18.30
C TYR A 58 10.19 16.68 17.38
N THR A 59 8.85 16.86 17.26
CA THR A 59 8.03 15.84 16.64
C THR A 59 8.35 15.56 15.14
N ARG A 60 8.90 16.53 14.41
CA ARG A 60 9.30 16.24 13.04
C ARG A 60 10.37 15.16 13.02
N LEU A 61 11.21 15.16 14.07
CA LEU A 61 12.31 14.15 14.22
C LEU A 61 11.83 12.81 14.79
N GLY A 62 10.79 12.85 15.65
CA GLY A 62 10.37 11.61 16.42
C GLY A 62 9.39 12.01 17.52
N ASN A 63 8.50 11.06 17.88
CA ASN A 63 7.39 11.37 18.80
C ASN A 63 6.99 9.98 19.40
N PRO A 64 6.60 9.97 20.67
CA PRO A 64 6.32 8.65 21.27
C PRO A 64 5.11 7.90 20.66
N THR A 65 4.10 8.64 20.24
CA THR A 65 2.92 8.02 19.63
C THR A 65 3.31 7.41 18.28
N THR A 66 3.99 8.22 17.46
CA THR A 66 4.42 7.74 16.14
C THR A 66 5.40 6.62 16.28
N ASP A 67 6.29 6.66 17.27
CA ASP A 67 7.28 5.62 17.51
C ASP A 67 6.59 4.26 17.75
N ALA A 68 5.47 4.30 18.48
CA ALA A 68 4.71 3.05 18.71
C ALA A 68 4.20 2.43 17.43
N LEU A 69 3.68 3.27 16.53
CA LEU A 69 3.21 2.80 15.26
C LEU A 69 4.36 2.21 14.39
N GLU A 70 5.50 2.94 14.40
CA GLU A 70 6.65 2.49 13.64
C GLU A 70 7.16 1.14 14.12
N LYS A 71 7.25 0.95 15.45
CA LYS A 71 7.66 -0.28 16.02
C LYS A 71 6.70 -1.42 15.73
N LYS A 72 5.39 -1.14 15.81
CA LYS A 72 4.41 -2.17 15.57
C LYS A 72 4.54 -2.67 14.08
N LEU A 73 4.56 -1.74 13.14
CA LEU A 73 4.63 -2.14 11.73
C LEU A 73 5.94 -2.82 11.40
N ALA A 74 7.04 -2.39 12.03
CA ALA A 74 8.31 -3.14 11.85
C ALA A 74 8.14 -4.59 12.29
N VAL A 75 7.52 -4.79 13.48
CA VAL A 75 7.30 -6.18 13.92
C VAL A 75 6.43 -6.97 12.93
N LEU A 76 5.34 -6.37 12.47
CA LEU A 76 4.40 -7.05 11.61
C LEU A 76 4.99 -7.43 10.23
N GLU A 77 5.90 -6.57 9.72
CA GLU A 77 6.57 -6.88 8.46
C GLU A 77 7.87 -7.64 8.68
N ARG A 78 8.27 -7.95 9.90
CA ARG A 78 9.52 -8.61 10.22
C ARG A 78 10.73 -7.78 9.67
N GLY A 79 10.67 -6.51 9.88
CA GLY A 79 11.69 -5.55 9.57
C GLY A 79 12.32 -5.01 10.85
N GLU A 80 13.48 -4.36 10.71
CA GLU A 80 14.18 -3.86 11.86
C GLU A 80 13.50 -2.58 12.44
N ALA A 81 13.04 -1.69 11.58
CA ALA A 81 12.63 -0.37 11.94
C ALA A 81 11.60 0.15 11.04
N GLY A 82 10.81 1.12 11.52
CA GLY A 82 9.78 1.73 10.79
C GLY A 82 9.87 3.27 10.82
N LEU A 83 9.26 3.93 9.83
CA LEU A 83 9.23 5.35 9.70
C LEU A 83 7.89 5.76 9.14
N ALA A 84 7.10 6.51 9.94
CA ALA A 84 5.79 6.97 9.52
C ALA A 84 5.86 8.24 8.73
N THR A 85 4.96 8.44 7.81
CA THR A 85 4.98 9.60 6.95
C THR A 85 3.58 10.20 6.77
N ALA A 86 3.54 11.35 6.16
CA ALA A 86 2.34 12.13 5.91
C ALA A 86 1.35 11.50 4.97
N SER A 87 1.83 10.58 4.08
CA SER A 87 1.05 9.98 3.07
C SER A 87 1.80 8.77 2.49
N GLY A 88 1.08 7.89 1.86
CA GLY A 88 1.68 6.82 1.06
C GLY A 88 2.68 7.37 0.02
N ILE A 89 2.27 8.40 -0.64
CA ILE A 89 3.24 9.09 -1.60
C ILE A 89 4.50 9.48 -0.92
N SER A 90 4.42 10.11 0.24
CA SER A 90 5.61 10.51 0.97
C SER A 90 6.44 9.32 1.43
N ALA A 91 5.83 8.17 1.78
CA ALA A 91 6.61 7.00 2.10
C ALA A 91 7.48 6.59 0.91
N ILE A 92 6.89 6.56 -0.27
CA ILE A 92 7.59 6.18 -1.53
C ILE A 92 8.68 7.20 -1.88
N THR A 93 8.32 8.49 -1.85
CA THR A 93 9.27 9.50 -2.31
C THR A 93 10.37 9.73 -1.32
N THR A 94 10.03 9.74 0.00
CA THR A 94 11.06 9.79 1.00
C THR A 94 12.06 8.65 0.78
N THR A 95 11.59 7.45 0.57
CA THR A 95 12.43 6.31 0.30
C THR A 95 13.34 6.55 -0.92
N LEU A 96 12.74 6.85 -2.04
CA LEU A 96 13.49 6.89 -3.30
C LEU A 96 14.41 8.11 -3.34
N LEU A 97 14.00 9.23 -2.78
CA LEU A 97 14.83 10.45 -2.75
C LEU A 97 15.95 10.32 -1.75
N THR A 98 15.81 9.46 -0.74
CA THR A 98 16.92 9.16 0.15
C THR A 98 17.96 8.31 -0.59
N LEU A 99 17.48 7.33 -1.34
CA LEU A 99 18.37 6.33 -1.97
C LEU A 99 19.11 6.85 -3.19
N CYS A 100 18.48 7.73 -3.93
CA CYS A 100 18.91 8.04 -5.27
C CYS A 100 19.32 9.50 -5.40
N GLN A 101 20.27 9.74 -6.30
CA GLN A 101 20.71 11.07 -6.65
CA GLN A 101 20.73 11.06 -6.65
C GLN A 101 20.95 11.16 -8.16
N GLN A 102 21.22 12.38 -8.62
CA GLN A 102 21.49 12.65 -10.05
C GLN A 102 22.44 11.59 -10.62
N GLY A 103 22.02 11.00 -11.73
CA GLY A 103 22.79 9.95 -12.40
C GLY A 103 22.41 8.52 -12.11
N ASP A 104 21.61 8.33 -11.02
CA ASP A 104 21.14 7.02 -10.68
C ASP A 104 19.96 6.61 -11.54
N HIS A 105 19.63 5.32 -11.44
CA HIS A 105 18.58 4.73 -12.25
C HIS A 105 17.70 3.83 -11.40
N ILE A 106 16.44 3.75 -11.79
CA ILE A 106 15.47 2.89 -11.17
C ILE A 106 14.78 2.04 -12.25
N VAL A 107 14.58 0.75 -11.97
CA VAL A 107 13.71 -0.09 -12.73
C VAL A 107 12.39 -0.20 -11.97
N SER A 108 11.31 0.18 -12.63
CA SER A 108 10.01 0.15 -12.03
C SER A 108 9.03 -0.68 -12.81
N ALA A 109 8.15 -1.44 -12.10
CA ALA A 109 6.97 -1.96 -12.73
C ALA A 109 6.21 -0.81 -13.40
N SER A 110 5.55 -1.11 -14.52
CA SER A 110 4.62 -0.23 -15.12
C SER A 110 3.30 -0.20 -14.35
N ALA A 111 2.87 -1.37 -13.85
CA ALA A 111 1.48 -1.52 -13.24
C ALA A 111 1.58 -1.08 -11.79
N ILE A 112 1.62 0.26 -11.60
CA ILE A 112 1.76 0.85 -10.28
C ILE A 112 0.72 1.96 -10.14
N TYR A 113 0.56 2.36 -8.89
CA TYR A 113 -0.32 3.41 -8.53
C TYR A 113 -0.04 4.69 -9.38
N GLY A 114 -1.09 5.37 -9.82
CA GLY A 114 -0.95 6.40 -10.79
C GLY A 114 -0.07 7.53 -10.35
N HIS A 115 -0.17 7.97 -9.09
CA HIS A 115 0.65 9.15 -8.68
C HIS A 115 2.09 8.76 -8.49
N THR A 116 2.31 7.48 -8.13
CA THR A 116 3.68 6.93 -8.17
C THR A 116 4.28 6.99 -9.59
N HIS A 117 3.47 6.63 -10.57
CA HIS A 117 3.92 6.63 -11.95
C HIS A 117 4.27 8.04 -12.39
N ALA A 118 3.46 9.03 -11.97
CA ALA A 118 3.74 10.43 -12.29
C ALA A 118 5.05 10.88 -11.69
N PHE A 119 5.30 10.53 -10.42
CA PHE A 119 6.53 10.91 -9.76
C PHE A 119 7.74 10.31 -10.52
N LEU A 120 7.63 9.05 -10.85
CA LEU A 120 8.69 8.34 -11.57
C LEU A 120 8.87 8.84 -13.00
N SER A 121 7.78 9.16 -13.68
CA SER A 121 7.82 9.51 -15.09
C SER A 121 8.29 10.94 -15.30
N HIS A 122 7.84 11.84 -14.43
CA HIS A 122 8.04 13.28 -14.64
C HIS A 122 8.97 13.97 -13.66
N SER A 123 8.88 13.66 -12.36
CA SER A 123 9.67 14.33 -11.36
C SER A 123 11.09 13.75 -11.22
N MET A 124 11.20 12.44 -11.13
CA MET A 124 12.52 11.87 -11.03
C MET A 124 13.51 12.33 -12.16
N PRO A 125 13.08 12.27 -13.42
CA PRO A 125 14.00 12.65 -14.47
C PRO A 125 14.41 14.11 -14.39
N LYS A 126 13.56 14.96 -13.77
CA LYS A 126 13.93 16.35 -13.65
C LYS A 126 15.02 16.56 -12.58
N PHE A 127 15.23 15.57 -11.71
CA PHE A 127 16.33 15.54 -10.76
C PHE A 127 17.50 14.72 -11.24
N GLY A 128 17.49 14.32 -12.50
CA GLY A 128 18.59 13.56 -13.06
C GLY A 128 18.55 12.07 -12.80
N ILE A 129 17.41 11.61 -12.27
CA ILE A 129 17.25 10.21 -11.92
C ILE A 129 16.36 9.57 -12.99
N ASN A 130 16.94 8.64 -13.76
CA ASN A 130 16.20 7.99 -14.83
C ASN A 130 15.47 6.77 -14.38
N VAL A 131 14.36 6.52 -15.04
CA VAL A 131 13.53 5.39 -14.69
C VAL A 131 13.16 4.59 -15.95
N SER A 132 13.30 3.29 -15.87
CA SER A 132 12.85 2.38 -16.91
CA SER A 132 12.85 2.37 -16.90
C SER A 132 11.66 1.59 -16.39
N PHE A 133 10.55 1.65 -17.13
CA PHE A 133 9.36 0.88 -16.81
C PHE A 133 9.28 -0.41 -17.57
N VAL A 134 8.86 -1.45 -16.87
CA VAL A 134 8.86 -2.79 -17.42
C VAL A 134 7.61 -3.51 -16.91
N ASP A 135 7.25 -4.61 -17.55
CA ASP A 135 6.19 -5.51 -17.07
C ASP A 135 6.82 -6.44 -16.05
N ALA A 136 6.60 -6.15 -14.77
CA ALA A 136 7.20 -6.88 -13.70
C ALA A 136 6.64 -8.28 -13.45
N ALA A 137 5.56 -8.66 -14.14
CA ALA A 137 5.13 -10.03 -14.19
C ALA A 137 6.09 -10.91 -14.99
N LYS A 138 7.02 -10.27 -15.70
CA LYS A 138 8.02 -10.97 -16.52
C LYS A 138 9.37 -10.61 -15.94
N PRO A 139 9.89 -11.43 -15.04
CA PRO A 139 11.15 -11.04 -14.35
C PRO A 139 12.35 -10.80 -15.28
N GLU A 140 12.32 -11.42 -16.41
CA GLU A 140 13.34 -11.17 -17.40
C GLU A 140 13.38 -9.74 -17.90
N GLU A 141 12.22 -9.05 -17.94
CA GLU A 141 12.23 -7.65 -18.37
C GLU A 141 12.91 -6.78 -17.32
N ILE A 142 12.74 -7.15 -16.06
CA ILE A 142 13.47 -6.46 -14.99
C ILE A 142 14.96 -6.65 -15.15
N ARG A 143 15.40 -7.89 -15.32
CA ARG A 143 16.83 -8.12 -15.55
C ARG A 143 17.36 -7.32 -16.73
N ALA A 144 16.64 -7.33 -17.84
CA ALA A 144 17.14 -6.71 -19.07
C ALA A 144 17.26 -5.22 -18.96
N ALA A 145 16.46 -4.59 -18.06
CA ALA A 145 16.44 -3.16 -17.90
C ALA A 145 17.51 -2.66 -16.90
N MET A 146 18.18 -3.54 -16.17
CA MET A 146 19.18 -3.16 -15.18
CA MET A 146 19.15 -3.08 -15.18
C MET A 146 20.41 -2.55 -15.84
N ARG A 147 20.98 -1.53 -15.18
CA ARG A 147 22.13 -0.80 -15.67
C ARG A 147 23.17 -0.73 -14.55
N PRO A 148 24.39 -0.32 -14.88
CA PRO A 148 25.37 -0.18 -13.79
C PRO A 148 24.93 0.82 -12.73
N GLU A 149 24.10 1.78 -13.14
CA GLU A 149 23.66 2.88 -12.28
CA GLU A 149 23.70 2.86 -12.24
C GLU A 149 22.36 2.56 -11.53
N THR A 150 21.78 1.40 -11.80
CA THR A 150 20.50 1.02 -11.14
C THR A 150 20.69 0.79 -9.64
N LYS A 151 19.98 1.64 -8.87
CA LYS A 151 20.05 1.55 -7.42
C LYS A 151 18.86 0.77 -6.81
N VAL A 152 17.73 0.81 -7.51
CA VAL A 152 16.47 0.31 -6.98
C VAL A 152 15.68 -0.36 -8.07
N VAL A 153 15.01 -1.46 -7.69
CA VAL A 153 13.94 -2.08 -8.43
C VAL A 153 12.67 -1.81 -7.57
N TYR A 154 11.62 -1.32 -8.19
CA TYR A 154 10.37 -0.93 -7.48
C TYR A 154 9.18 -1.67 -8.04
N ILE A 155 8.44 -2.37 -7.17
CA ILE A 155 7.28 -3.15 -7.58
C ILE A 155 6.09 -2.97 -6.61
N GLU A 156 4.94 -3.26 -7.15
CA GLU A 156 3.68 -3.37 -6.39
C GLU A 156 3.10 -4.71 -6.71
N THR A 157 2.56 -5.45 -5.71
CA THR A 157 1.87 -6.70 -5.94
C THR A 157 0.86 -7.02 -4.82
N PRO A 158 -0.36 -7.34 -5.20
CA PRO A 158 -0.98 -7.25 -6.54
C PRO A 158 -0.96 -5.83 -7.05
N ALA A 159 -1.13 -5.70 -8.36
CA ALA A 159 -1.05 -4.46 -9.04
C ALA A 159 -2.38 -4.14 -9.68
N ASN A 160 -2.72 -2.90 -9.66
CA ASN A 160 -3.84 -2.42 -10.48
C ASN A 160 -3.52 -2.43 -11.98
N PRO A 161 -4.55 -2.43 -12.83
CA PRO A 161 -5.96 -2.50 -12.47
C PRO A 161 -6.51 -3.94 -12.50
N THR A 162 -5.72 -4.89 -12.95
CA THR A 162 -6.23 -6.25 -13.14
C THR A 162 -5.68 -7.19 -12.09
N LEU A 163 -5.05 -6.66 -11.05
CA LEU A 163 -4.57 -7.49 -9.91
CA LEU A 163 -4.58 -7.50 -9.91
C LEU A 163 -3.58 -8.57 -10.36
N SER A 164 -2.72 -8.20 -11.29
CA SER A 164 -1.64 -9.06 -11.63
C SER A 164 -0.63 -9.08 -10.51
N LEU A 165 0.20 -10.10 -10.50
CA LEU A 165 1.17 -10.31 -9.47
C LEU A 165 2.61 -10.13 -9.94
N VAL A 166 3.49 -10.00 -8.96
CA VAL A 166 4.93 -9.98 -9.15
C VAL A 166 5.54 -10.98 -8.19
N ASP A 167 6.49 -11.76 -8.67
CA ASP A 167 7.12 -12.77 -7.88
C ASP A 167 8.24 -12.11 -7.09
N ILE A 168 7.94 -11.80 -5.81
CA ILE A 168 8.82 -11.04 -5.01
C ILE A 168 10.17 -11.73 -4.85
N GLU A 169 10.13 -12.97 -4.44
CA GLU A 169 11.35 -13.71 -4.16
C GLU A 169 12.30 -13.76 -5.40
N THR A 170 11.71 -14.03 -6.55
CA THR A 170 12.47 -14.14 -7.80
C THR A 170 13.08 -12.77 -8.14
N VAL A 171 12.27 -11.72 -8.05
CA VAL A 171 12.71 -10.37 -8.39
C VAL A 171 13.79 -9.93 -7.41
N ALA A 172 13.61 -10.22 -6.11
CA ALA A 172 14.62 -9.87 -5.13
C ALA A 172 15.99 -10.46 -5.51
N GLY A 173 15.99 -11.72 -5.91
CA GLY A 173 17.24 -12.39 -6.28
C GLY A 173 17.91 -11.72 -7.46
N ILE A 174 17.11 -11.37 -8.44
CA ILE A 174 17.62 -10.67 -9.64
C ILE A 174 18.19 -9.29 -9.28
N ALA A 175 17.46 -8.53 -8.49
CA ALA A 175 17.91 -7.20 -8.07
C ALA A 175 19.21 -7.32 -7.29
N HIS A 176 19.29 -8.25 -6.33
CA HIS A 176 20.47 -8.34 -5.49
C HIS A 176 21.68 -8.82 -6.29
N GLN A 177 21.50 -9.74 -7.20
CA GLN A 177 22.64 -10.23 -8.03
C GLN A 177 23.26 -9.05 -8.79
N GLN A 178 22.43 -8.08 -9.18
CA GLN A 178 22.88 -6.92 -9.94
C GLN A 178 23.18 -5.69 -9.09
N GLY A 179 23.19 -5.89 -7.76
CA GLY A 179 23.63 -4.89 -6.80
C GLY A 179 22.59 -3.82 -6.39
N ALA A 180 21.34 -4.08 -6.70
CA ALA A 180 20.26 -3.15 -6.43
C ALA A 180 19.44 -3.59 -5.23
N LEU A 181 18.73 -2.61 -4.65
CA LEU A 181 17.71 -2.87 -3.59
C LEU A 181 16.37 -3.11 -4.21
N LEU A 182 15.55 -3.97 -3.56
CA LEU A 182 14.19 -4.14 -3.98
C LEU A 182 13.24 -3.43 -2.98
N VAL A 183 12.43 -2.54 -3.49
CA VAL A 183 11.42 -1.81 -2.70
C VAL A 183 10.07 -2.34 -3.20
N VAL A 184 9.22 -2.80 -2.21
CA VAL A 184 7.91 -3.31 -2.52
C VAL A 184 6.84 -2.46 -1.84
N ASP A 185 5.86 -1.99 -2.62
CA ASP A 185 4.67 -1.35 -2.08
C ASP A 185 3.68 -2.49 -1.74
N ASN A 186 3.48 -2.67 -0.43
CA ASN A 186 2.64 -3.77 0.11
C ASN A 186 1.28 -3.26 0.56
N THR A 187 0.87 -2.13 0.02
CA THR A 187 -0.38 -1.47 0.46
C THR A 187 -1.58 -2.42 0.30
N PHE A 188 -1.78 -3.02 -0.88
CA PHE A 188 -2.93 -3.77 -1.19
C PHE A 188 -3.13 -4.94 -0.28
N MET A 189 -2.05 -5.55 0.22
CA MET A 189 -2.10 -6.77 1.05
CA MET A 189 -2.20 -6.77 1.03
C MET A 189 -2.15 -6.56 2.55
N SER A 190 -1.38 -5.60 3.03
CA SER A 190 -1.01 -5.43 4.41
C SER A 190 -0.08 -6.53 4.87
N PRO A 191 0.62 -6.33 6.00
CA PRO A 191 1.48 -7.42 6.49
C PRO A 191 0.73 -8.68 6.88
N TYR A 192 -0.60 -8.55 7.12
CA TYR A 192 -1.36 -9.75 7.47
C TYR A 192 -1.42 -10.79 6.32
N CYS A 193 -1.34 -10.27 5.09
CA CYS A 193 -1.50 -11.12 3.89
C CYS A 193 -0.27 -11.36 3.06
N GLN A 194 0.74 -10.51 3.22
CA GLN A 194 1.96 -10.69 2.43
C GLN A 194 3.09 -10.04 3.23
N GLN A 195 4.31 -10.63 3.19
CA GLN A 195 5.45 -10.13 3.95
C GLN A 195 6.67 -10.08 3.00
N PRO A 196 6.78 -8.97 2.29
CA PRO A 196 7.84 -8.93 1.24
C PRO A 196 9.24 -9.06 1.83
N LEU A 197 9.52 -8.54 3.02
CA LEU A 197 10.83 -8.69 3.60
C LEU A 197 11.22 -10.13 3.81
N GLN A 198 10.25 -10.98 4.15
CA GLN A 198 10.51 -12.38 4.34
C GLN A 198 10.82 -13.12 3.04
N LEU A 199 10.51 -12.47 1.92
CA LEU A 199 10.77 -13.01 0.58
C LEU A 199 12.03 -12.39 -0.12
N GLY A 200 12.73 -11.54 0.60
CA GLY A 200 13.95 -10.94 0.16
C GLY A 200 13.90 -9.49 -0.19
N ALA A 201 12.73 -8.84 -0.15
CA ALA A 201 12.72 -7.39 -0.34
C ALA A 201 13.54 -6.69 0.75
N ASP A 202 14.11 -5.53 0.39
CA ASP A 202 14.89 -4.75 1.30
C ASP A 202 14.05 -3.75 2.09
N ILE A 203 13.08 -3.17 1.42
CA ILE A 203 12.27 -2.07 1.95
C ILE A 203 10.86 -2.32 1.57
N VAL A 204 9.93 -2.14 2.56
CA VAL A 204 8.51 -2.16 2.24
C VAL A 204 7.94 -0.81 2.51
N VAL A 205 7.06 -0.36 1.63
CA VAL A 205 6.29 0.85 1.87
C VAL A 205 4.81 0.52 1.86
N HIS A 206 4.05 1.34 2.61
CA HIS A 206 2.60 1.30 2.52
C HIS A 206 2.01 2.68 2.50
N SER A 207 0.86 2.80 1.84
CA SER A 207 -0.11 3.81 2.20
C SER A 207 -0.97 3.19 3.36
N VAL A 208 -0.79 3.73 4.55
CA VAL A 208 -1.62 3.26 5.68
C VAL A 208 -3.04 3.78 5.54
N THR A 209 -3.29 4.68 4.61
CA THR A 209 -4.58 5.20 4.25
C THR A 209 -5.58 4.09 3.92
N LYS A 210 -5.04 3.00 3.41
N LYS A 210 -5.01 2.86 3.41
CA LYS A 210 -5.82 1.81 2.99
CA LYS A 210 -5.87 1.78 2.90
C LYS A 210 -6.04 0.82 4.17
C LYS A 210 -6.08 0.87 4.09
N TYR A 211 -5.71 -0.46 4.02
CA TYR A 211 -6.07 -1.46 5.03
C TYR A 211 -5.44 -1.27 6.41
N ILE A 212 -4.23 -0.78 6.53
CA ILE A 212 -3.56 -0.74 7.84
C ILE A 212 -4.40 0.13 8.80
N ASN A 213 -4.74 1.32 8.38
CA ASN A 213 -5.69 2.13 9.16
C ASN A 213 -7.08 1.56 9.02
N GLY A 214 -7.56 1.38 7.81
CA GLY A 214 -8.77 0.64 7.54
C GLY A 214 -10.09 1.37 7.68
N HIS A 215 -10.05 2.57 8.28
CA HIS A 215 -11.26 3.27 8.61
C HIS A 215 -11.57 4.52 7.80
N GLY A 216 -10.81 4.75 6.72
CA GLY A 216 -11.21 5.76 5.79
C GLY A 216 -11.11 7.19 6.34
N ASP A 217 -10.22 7.40 7.28
CA ASP A 217 -10.14 8.67 7.97
C ASP A 217 -8.71 9.19 8.26
N VAL A 218 -7.72 8.50 7.67
CA VAL A 218 -6.34 8.84 7.85
C VAL A 218 -5.66 8.77 6.47
N ILE A 219 -4.94 9.85 6.10
CA ILE A 219 -3.94 9.78 5.03
C ILE A 219 -2.58 9.60 5.72
N GLY A 220 -1.80 8.63 5.28
CA GLY A 220 -0.51 8.38 5.89
C GLY A 220 0.23 7.27 5.16
N GLY A 221 1.53 7.21 5.47
CA GLY A 221 2.37 6.16 4.96
C GLY A 221 3.24 5.55 6.00
N ILE A 222 3.91 4.48 5.67
CA ILE A 222 4.92 3.90 6.51
C ILE A 222 6.01 3.26 5.62
N ILE A 223 7.23 3.31 6.09
CA ILE A 223 8.36 2.63 5.49
C ILE A 223 8.91 1.67 6.52
N VAL A 224 9.25 0.46 6.10
CA VAL A 224 9.89 -0.50 6.97
C VAL A 224 11.16 -1.06 6.28
N GLY A 225 12.23 -1.19 7.03
CA GLY A 225 13.43 -1.77 6.51
C GLY A 225 14.49 -1.87 7.57
N LYS A 226 15.74 -2.00 7.17
CA LYS A 226 16.84 -2.07 8.08
C LYS A 226 17.04 -0.78 8.83
N GLN A 227 17.54 -0.89 10.06
CA GLN A 227 17.80 0.28 10.86
C GLN A 227 18.68 1.31 10.17
N GLU A 228 19.78 0.81 9.53
CA GLU A 228 20.72 1.78 8.88
C GLU A 228 20.00 2.61 7.81
N PHE A 229 19.18 1.98 6.99
CA PHE A 229 18.41 2.68 6.00
C PHE A 229 17.37 3.63 6.60
N ILE A 230 16.62 3.10 7.54
CA ILE A 230 15.51 3.87 8.13
C ILE A 230 16.10 5.13 8.79
N ASP A 231 17.26 5.01 9.44
CA ASP A 231 17.90 6.16 10.08
C ASP A 231 18.22 7.23 9.02
N GLN A 232 18.66 6.81 7.81
CA GLN A 232 18.87 7.77 6.71
C GLN A 232 17.58 8.36 6.20
N ALA A 233 16.57 7.52 6.02
CA ALA A 233 15.24 8.03 5.61
C ALA A 233 14.67 9.03 6.62
N ARG A 234 14.94 8.82 7.91
CA ARG A 234 14.42 9.75 8.93
C ARG A 234 15.21 11.04 8.99
N PHE A 235 16.54 10.91 9.14
CA PHE A 235 17.39 12.03 9.43
C PHE A 235 17.86 12.81 8.21
N VAL A 236 17.66 12.27 7.02
CA VAL A 236 17.89 13.02 5.79
C VAL A 236 16.64 13.12 4.94
N GLY A 237 16.01 11.99 4.59
CA GLY A 237 14.89 12.03 3.74
C GLY A 237 13.75 12.87 4.29
N LEU A 238 13.31 12.53 5.48
CA LEU A 238 12.20 13.25 6.06
C LEU A 238 12.64 14.61 6.60
N LYS A 239 13.73 14.62 7.37
CA LYS A 239 14.14 15.83 8.03
C LYS A 239 14.49 16.96 7.09
N ASP A 240 15.15 16.61 5.98
CA ASP A 240 15.69 17.56 5.07
C ASP A 240 14.89 17.68 3.79
N ILE A 241 14.53 16.55 3.14
CA ILE A 241 14.01 16.53 1.82
C ILE A 241 12.49 16.70 1.67
N THR A 242 11.71 15.73 2.18
CA THR A 242 10.26 15.82 1.95
C THR A 242 9.53 16.54 3.11
N GLY A 243 10.10 16.48 4.30
CA GLY A 243 9.40 17.07 5.48
C GLY A 243 8.10 16.32 5.75
N GLY A 244 7.93 15.14 5.22
CA GLY A 244 6.66 14.43 5.26
C GLY A 244 6.34 13.67 6.56
N CYS A 245 6.40 14.37 7.69
CA CYS A 245 6.10 13.70 8.95
C CYS A 245 4.61 13.46 9.14
N MET A 246 4.34 12.44 9.91
CA MET A 246 2.99 12.08 10.29
C MET A 246 2.61 12.82 11.59
N SER A 247 1.38 13.32 11.65
CA SER A 247 0.82 13.94 12.87
CA SER A 247 0.93 13.94 12.90
C SER A 247 0.67 12.87 13.96
N PRO A 248 0.96 13.22 15.22
CA PRO A 248 0.72 12.24 16.31
C PRO A 248 -0.70 11.72 16.37
N PHE A 249 -1.68 12.61 16.11
CA PHE A 249 -3.07 12.17 16.06
C PHE A 249 -3.34 11.14 14.98
N ASN A 250 -2.76 11.37 13.79
CA ASN A 250 -2.89 10.39 12.72
C ASN A 250 -2.23 9.08 13.08
N ALA A 251 -1.10 9.12 13.78
CA ALA A 251 -0.41 7.91 14.22
C ALA A 251 -1.32 7.14 15.22
N TRP A 252 -1.93 7.90 16.13
CA TRP A 252 -2.80 7.27 17.11
C TRP A 252 -3.99 6.63 16.45
N LEU A 253 -4.62 7.30 15.49
CA LEU A 253 -5.71 6.74 14.76
C LEU A 253 -5.32 5.46 14.03
N THR A 254 -4.13 5.48 13.45
CA THR A 254 -3.67 4.30 12.70
C THR A 254 -3.36 3.16 13.67
N LEU A 255 -2.72 3.45 14.82
CA LEU A 255 -2.59 2.45 15.87
C LEU A 255 -3.95 1.83 16.24
N ARG A 256 -4.92 2.68 16.39
CA ARG A 256 -6.25 2.22 16.74
C ARG A 256 -6.87 1.34 15.63
N GLY A 257 -6.74 1.80 14.39
CA GLY A 257 -7.26 1.07 13.26
C GLY A 257 -6.60 -0.29 13.06
N VAL A 258 -5.29 -0.33 13.31
CA VAL A 258 -4.53 -1.55 13.02
C VAL A 258 -4.82 -2.67 14.07
N LYS A 259 -5.39 -2.27 15.25
CA LYS A 259 -5.78 -3.29 16.24
C LYS A 259 -6.68 -4.36 15.66
N THR A 260 -7.53 -3.98 14.70
CA THR A 260 -8.46 -4.92 14.10
C THR A 260 -8.02 -5.45 12.71
N LEU A 261 -6.74 -5.20 12.37
CA LEU A 261 -6.25 -5.58 11.04
C LEU A 261 -6.52 -7.04 10.70
N GLY A 262 -6.27 -7.96 11.65
CA GLY A 262 -6.40 -9.36 11.33
C GLY A 262 -7.84 -9.78 11.06
N ILE A 263 -8.74 -9.34 11.98
CA ILE A 263 -10.13 -9.68 11.80
C ILE A 263 -10.76 -8.94 10.63
N ARG A 264 -10.26 -7.72 10.32
CA ARG A 264 -10.77 -7.02 9.16
C ARG A 264 -10.35 -7.76 7.86
N MET A 265 -9.04 -8.06 7.75
CA MET A 265 -8.57 -8.74 6.54
C MET A 265 -9.28 -10.06 6.33
N GLU A 266 -9.49 -10.82 7.40
CA GLU A 266 -10.20 -12.08 7.24
C GLU A 266 -11.59 -11.85 6.62
N ARG A 267 -12.31 -10.83 7.14
CA ARG A 267 -13.65 -10.58 6.65
C ARG A 267 -13.67 -9.96 5.25
N HIS A 268 -12.77 -9.00 5.01
CA HIS A 268 -12.65 -8.45 3.64
C HIS A 268 -12.44 -9.59 2.62
N CYS A 269 -11.54 -10.49 2.94
CA CYS A 269 -11.17 -11.54 1.95
C CYS A 269 -12.24 -12.61 1.82
N GLU A 270 -12.88 -12.97 2.97
CA GLU A 270 -14.01 -13.90 2.90
C GLU A 270 -15.13 -13.33 2.04
N ASN A 271 -15.43 -12.03 2.26
CA ASN A 271 -16.42 -11.37 1.48
C ASN A 271 -16.06 -11.30 -0.01
N ALA A 272 -14.83 -10.87 -0.25
CA ALA A 272 -14.38 -10.68 -1.62
C ALA A 272 -14.41 -12.00 -2.41
N LEU A 273 -14.02 -13.11 -1.80
CA LEU A 273 -14.04 -14.41 -2.51
C LEU A 273 -15.47 -14.75 -2.91
N LYS A 274 -16.44 -14.50 -1.99
CA LYS A 274 -17.83 -14.80 -2.33
CA LYS A 274 -17.83 -14.78 -2.32
C LYS A 274 -18.29 -13.92 -3.49
N ILE A 275 -17.97 -12.62 -3.42
CA ILE A 275 -18.41 -11.68 -4.44
C ILE A 275 -17.73 -12.00 -5.81
N ALA A 276 -16.47 -12.36 -5.74
CA ALA A 276 -15.72 -12.71 -6.97
C ALA A 276 -16.32 -13.97 -7.65
N ARG A 277 -16.74 -14.96 -6.87
CA ARG A 277 -17.37 -16.14 -7.39
C ARG A 277 -18.73 -15.85 -8.01
N PHE A 278 -19.51 -14.98 -7.31
CA PHE A 278 -20.75 -14.50 -7.87
C PHE A 278 -20.55 -13.83 -9.24
N LEU A 279 -19.57 -12.93 -9.31
CA LEU A 279 -19.31 -12.19 -10.55
C LEU A 279 -18.85 -13.13 -11.66
N GLU A 280 -18.04 -14.12 -11.29
CA GLU A 280 -17.55 -15.11 -12.28
C GLU A 280 -18.65 -15.96 -12.88
N GLY A 281 -19.75 -16.17 -12.14
CA GLY A 281 -20.90 -16.93 -12.58
C GLY A 281 -21.93 -16.07 -13.32
N HIS A 282 -21.67 -14.75 -13.41
CA HIS A 282 -22.67 -13.86 -13.95
C HIS A 282 -22.50 -13.66 -15.48
N PRO A 283 -23.53 -13.94 -16.30
CA PRO A 283 -23.34 -13.98 -17.76
C PRO A 283 -23.18 -12.58 -18.35
N SER A 284 -23.43 -11.55 -17.55
CA SER A 284 -23.23 -10.16 -18.01
C SER A 284 -21.85 -9.62 -17.71
N ILE A 285 -21.02 -10.43 -17.07
CA ILE A 285 -19.70 -10.03 -16.65
C ILE A 285 -18.72 -10.84 -17.50
N THR A 286 -17.91 -10.14 -18.29
CA THR A 286 -17.00 -10.86 -19.23
C THR A 286 -15.76 -11.41 -18.56
N ARG A 287 -15.22 -10.69 -17.55
CA ARG A 287 -14.01 -11.07 -16.86
C ARG A 287 -14.07 -10.66 -15.42
N VAL A 288 -13.42 -11.44 -14.57
CA VAL A 288 -13.26 -11.11 -13.16
C VAL A 288 -11.81 -11.33 -12.76
N TYR A 289 -11.17 -10.29 -12.26
CA TYR A 289 -9.83 -10.29 -11.84
C TYR A 289 -9.77 -10.40 -10.33
N TYR A 290 -9.33 -11.54 -9.83
CA TYR A 290 -9.20 -11.77 -8.42
C TYR A 290 -8.25 -12.87 -8.14
N PRO A 291 -7.25 -12.63 -7.30
CA PRO A 291 -6.27 -13.69 -7.11
C PRO A 291 -6.81 -15.02 -6.54
N GLY A 292 -7.97 -14.96 -5.87
CA GLY A 292 -8.60 -16.16 -5.30
C GLY A 292 -9.33 -17.05 -6.29
N LEU A 293 -9.51 -16.59 -7.53
CA LEU A 293 -10.09 -17.39 -8.58
C LEU A 293 -9.03 -18.22 -9.29
N SER A 294 -9.31 -19.49 -9.51
CA SER A 294 -8.27 -20.42 -9.97
C SER A 294 -7.85 -20.11 -11.43
N SER A 295 -8.69 -19.38 -12.19
CA SER A 295 -8.34 -19.01 -13.55
C SER A 295 -7.39 -17.80 -13.57
N HIS A 296 -7.15 -17.14 -12.44
CA HIS A 296 -6.13 -16.08 -12.40
C HIS A 296 -4.79 -16.61 -12.98
N PRO A 297 -4.15 -15.84 -13.89
CA PRO A 297 -2.98 -16.44 -14.59
C PRO A 297 -1.72 -16.75 -13.73
N GLN A 298 -1.66 -16.16 -12.57
CA GLN A 298 -0.59 -16.38 -11.61
C GLN A 298 -1.13 -16.95 -10.33
N TYR A 299 -2.21 -17.73 -10.45
CA TYR A 299 -2.89 -18.26 -9.24
C TYR A 299 -1.97 -18.97 -8.26
N GLU A 300 -1.14 -19.90 -8.74
CA GLU A 300 -0.24 -20.65 -7.85
C GLU A 300 0.79 -19.79 -7.16
N LEU A 301 1.40 -18.86 -7.89
CA LEU A 301 2.25 -17.90 -7.27
C LEU A 301 1.54 -17.17 -6.12
N GLY A 302 0.32 -16.75 -6.38
CA GLY A 302 -0.46 -16.06 -5.38
C GLY A 302 -0.64 -16.90 -4.13
N GLN A 303 -0.92 -18.17 -4.32
CA GLN A 303 -1.08 -19.10 -3.21
C GLN A 303 0.18 -19.25 -2.37
N ARG A 304 1.33 -19.13 -3.03
CA ARG A 304 2.59 -19.25 -2.28
C ARG A 304 2.95 -17.98 -1.52
N GLN A 305 2.68 -16.86 -2.14
CA GLN A 305 3.18 -15.55 -1.73
C GLN A 305 2.22 -14.81 -0.79
N MET A 306 0.94 -15.14 -0.86
CA MET A 306 -0.12 -14.40 -0.14
CA MET A 306 -0.17 -14.38 -0.17
C MET A 306 -0.92 -15.38 0.69
N SER A 307 -1.18 -15.00 1.96
CA SER A 307 -1.94 -15.88 2.84
C SER A 307 -3.42 -15.84 2.59
N LEU A 308 -3.89 -14.77 2.00
CA LEU A 308 -5.26 -14.56 1.56
C LEU A 308 -5.25 -13.83 0.26
N PRO A 309 -6.34 -13.94 -0.56
CA PRO A 309 -6.32 -13.35 -1.86
C PRO A 309 -6.66 -11.88 -1.96
N GLY A 310 -6.98 -11.24 -0.83
CA GLY A 310 -7.20 -9.81 -0.74
C GLY A 310 -8.66 -9.38 -0.83
N GLY A 311 -8.88 -8.11 -0.61
CA GLY A 311 -10.22 -7.52 -0.60
C GLY A 311 -10.64 -6.75 -1.81
N ILE A 312 -9.79 -6.76 -2.87
CA ILE A 312 -10.03 -5.97 -4.06
C ILE A 312 -10.36 -6.88 -5.22
N ILE A 313 -11.33 -6.47 -6.01
CA ILE A 313 -11.75 -7.19 -7.20
C ILE A 313 -11.88 -6.17 -8.31
N SER A 314 -11.39 -6.54 -9.51
CA SER A 314 -11.75 -5.84 -10.73
CA SER A 314 -11.80 -5.81 -10.69
C SER A 314 -12.55 -6.74 -11.64
N PHE A 315 -13.42 -6.17 -12.46
CA PHE A 315 -14.24 -6.97 -13.33
C PHE A 315 -14.65 -6.12 -14.52
N GLU A 316 -15.06 -6.76 -15.61
CA GLU A 316 -15.46 -6.09 -16.80
CA GLU A 316 -15.44 -6.09 -16.81
C GLU A 316 -16.92 -6.42 -17.05
N ILE A 317 -17.74 -5.38 -17.27
CA ILE A 317 -19.14 -5.55 -17.54
C ILE A 317 -19.36 -5.54 -19.05
N ALA A 318 -20.25 -6.40 -19.48
CA ALA A 318 -20.70 -6.41 -20.90
C ALA A 318 -21.17 -5.04 -21.29
N GLY A 319 -20.71 -4.56 -22.44
CA GLY A 319 -21.27 -3.37 -23.04
C GLY A 319 -20.45 -2.13 -22.86
N GLY A 320 -19.22 -2.30 -22.40
CA GLY A 320 -18.25 -1.22 -22.44
C GLY A 320 -18.57 -0.01 -21.57
N LEU A 321 -18.18 1.17 -22.05
CA LEU A 321 -18.22 2.37 -21.27
C LEU A 321 -19.61 2.70 -20.74
N GLU A 322 -20.61 2.68 -21.62
CA GLU A 322 -21.99 3.05 -21.24
CA GLU A 322 -21.96 3.07 -21.20
C GLU A 322 -22.53 2.11 -20.17
N ALA A 323 -22.22 0.83 -20.29
CA ALA A 323 -22.61 -0.17 -19.32
C ALA A 323 -21.95 0.08 -17.98
N GLY A 324 -20.66 0.38 -17.99
CA GLY A 324 -19.92 0.62 -16.77
C GLY A 324 -20.49 1.84 -16.03
N ARG A 325 -20.84 2.88 -16.78
CA ARG A 325 -21.36 4.10 -16.25
C ARG A 325 -22.73 3.84 -15.67
N ARG A 326 -23.59 3.17 -16.43
CA ARG A 326 -24.95 2.82 -15.94
C ARG A 326 -24.86 1.98 -14.71
N MET A 327 -23.87 1.12 -14.61
CA MET A 327 -23.76 0.22 -13.45
CA MET A 327 -23.78 0.23 -13.43
C MET A 327 -23.39 0.98 -12.16
N ILE A 328 -22.33 1.78 -12.25
CA ILE A 328 -21.90 2.52 -11.11
C ILE A 328 -22.98 3.57 -10.68
N ASN A 329 -23.76 4.08 -11.63
CA ASN A 329 -24.91 4.90 -11.35
C ASN A 329 -26.14 4.21 -10.80
N SER A 330 -26.10 2.90 -10.74
CA SER A 330 -27.26 2.15 -10.33
C SER A 330 -27.05 1.43 -8.99
N VAL A 331 -25.84 1.44 -8.43
CA VAL A 331 -25.62 0.85 -7.10
C VAL A 331 -26.27 1.76 -6.03
N GLU A 332 -26.78 1.10 -5.00
CA GLU A 332 -27.45 1.81 -3.87
C GLU A 332 -26.72 1.67 -2.57
N LEU A 333 -25.88 0.66 -2.44
CA LEU A 333 -25.16 0.34 -1.23
C LEU A 333 -23.65 0.64 -1.36
N CYS A 334 -23.04 0.06 -2.40
CA CYS A 334 -21.67 0.41 -2.75
C CYS A 334 -21.60 1.91 -2.95
N LEU A 335 -20.51 2.52 -2.50
CA LEU A 335 -20.31 3.95 -2.62
C LEU A 335 -19.27 4.30 -3.68
N LEU A 336 -19.59 5.31 -4.48
CA LEU A 336 -18.69 5.73 -5.62
C LEU A 336 -17.57 6.59 -5.05
N ALA A 337 -16.34 6.09 -5.09
CA ALA A 337 -15.19 6.75 -4.52
C ALA A 337 -13.92 6.10 -5.03
N VAL A 338 -12.84 6.87 -4.97
N VAL A 338 -12.76 6.76 -4.89
CA VAL A 338 -11.50 6.32 -5.01
CA VAL A 338 -11.54 6.24 -5.53
C VAL A 338 -11.08 5.98 -3.57
C VAL A 338 -10.51 5.57 -4.59
N SER A 339 -9.83 5.59 -3.42
N SER A 339 -10.80 5.48 -3.29
CA SER A 339 -9.38 4.88 -2.25
CA SER A 339 -9.88 4.86 -2.34
C SER A 339 -9.98 3.46 -2.19
C SER A 339 -10.17 3.38 -2.16
N LEU A 340 -9.48 2.73 -1.23
CA LEU A 340 -9.77 1.35 -1.02
C LEU A 340 -9.30 0.96 0.38
N GLY A 341 -9.81 -0.17 0.84
CA GLY A 341 -9.37 -0.67 2.10
C GLY A 341 -10.16 -0.09 3.30
N ASP A 342 -11.32 0.52 3.02
CA ASP A 342 -12.18 1.09 4.07
C ASP A 342 -13.21 -0.02 4.52
N THR A 343 -13.94 0.29 5.58
CA THR A 343 -14.95 -0.67 6.07
C THR A 343 -16.16 -0.71 5.20
N GLU A 344 -16.40 0.34 4.42
CA GLU A 344 -17.50 0.41 3.47
C GLU A 344 -17.03 -0.13 2.12
N THR A 345 -17.92 -0.76 1.37
CA THR A 345 -17.63 -1.21 0.02
C THR A 345 -17.61 0.04 -0.87
N LEU A 346 -16.51 0.18 -1.65
CA LEU A 346 -16.32 1.29 -2.58
C LEU A 346 -16.17 0.74 -3.99
N ILE A 347 -16.66 1.49 -4.91
CA ILE A 347 -16.68 1.12 -6.32
C ILE A 347 -16.30 2.29 -7.21
N GLN A 348 -15.58 1.96 -8.30
CA GLN A 348 -15.21 3.02 -9.26
C GLN A 348 -15.14 2.41 -10.68
N HIS A 349 -15.41 3.24 -11.67
CA HIS A 349 -15.39 2.89 -13.08
C HIS A 349 -14.39 3.86 -13.66
N PRO A 350 -13.12 3.44 -13.73
CA PRO A 350 -12.09 4.41 -14.11
C PRO A 350 -12.35 5.04 -15.49
N ALA A 351 -12.82 4.31 -16.54
CA ALA A 351 -13.03 4.93 -17.83
C ALA A 351 -14.02 6.13 -17.87
N SER A 352 -15.03 6.15 -16.99
CA SER A 352 -15.96 7.28 -16.90
C SER A 352 -15.62 8.24 -15.79
N MET A 353 -14.82 7.84 -14.81
CA MET A 353 -14.56 8.66 -13.63
C MET A 353 -13.23 9.28 -13.79
N THR A 354 -12.20 8.51 -13.50
CA THR A 354 -10.87 9.10 -13.35
C THR A 354 -10.24 9.32 -14.68
N HIS A 355 -10.43 8.38 -15.59
CA HIS A 355 -9.61 8.37 -16.77
C HIS A 355 -10.45 8.78 -17.99
N SER A 356 -11.54 9.49 -17.71
CA SER A 356 -12.55 9.88 -18.71
C SER A 356 -11.98 10.82 -19.78
N PRO A 357 -11.05 11.72 -19.39
CA PRO A 357 -10.44 12.55 -20.45
C PRO A 357 -9.28 11.87 -21.19
N VAL A 358 -8.75 10.75 -20.66
CA VAL A 358 -7.62 10.04 -21.28
C VAL A 358 -8.06 9.34 -22.59
N ALA A 359 -7.23 9.37 -23.62
CA ALA A 359 -7.63 8.78 -24.93
C ALA A 359 -7.98 7.30 -24.74
N PRO A 360 -9.14 6.88 -25.28
CA PRO A 360 -9.55 5.48 -25.09
C PRO A 360 -8.46 4.45 -25.42
N GLU A 361 -7.64 4.70 -26.45
CA GLU A 361 -6.58 3.72 -26.80
C GLU A 361 -5.40 3.67 -25.78
N GLU A 362 -5.04 4.88 -25.22
CA GLU A 362 -4.06 4.94 -24.11
C GLU A 362 -4.50 4.15 -22.87
N ARG A 363 -5.78 4.29 -22.52
CA ARG A 363 -6.36 3.58 -21.36
C ARG A 363 -6.21 2.06 -21.57
N LEU A 364 -6.49 1.62 -22.83
CA LEU A 364 -6.42 0.17 -23.22
C LEU A 364 -5.00 -0.39 -23.09
N LYS A 365 -4.00 0.36 -23.58
CA LYS A 365 -2.57 0.07 -23.36
C LYS A 365 -2.29 -0.04 -21.88
N ALA A 366 -3.00 0.75 -21.07
CA ALA A 366 -2.76 0.76 -19.64
C ALA A 366 -3.58 -0.31 -18.87
N GLY A 367 -4.28 -1.17 -19.59
CA GLY A 367 -5.07 -2.22 -18.91
C GLY A 367 -6.48 -1.77 -18.56
N ILE A 368 -6.85 -0.55 -18.94
CA ILE A 368 -8.13 0.01 -18.55
C ILE A 368 -9.12 -0.05 -19.66
N THR A 369 -9.92 -1.09 -19.63
CA THR A 369 -10.87 -1.22 -20.68
C THR A 369 -12.12 -0.40 -20.30
N ASP A 370 -12.93 -0.14 -21.30
CA ASP A 370 -14.08 0.72 -21.12
C ASP A 370 -15.09 0.15 -20.12
N GLY A 371 -15.11 -1.18 -19.94
CA GLY A 371 -16.07 -1.85 -19.08
C GLY A 371 -15.48 -2.23 -17.74
N LEU A 372 -14.27 -1.78 -17.43
CA LEU A 372 -13.58 -2.23 -16.21
C LEU A 372 -14.13 -1.45 -15.01
N ILE A 373 -14.50 -2.20 -13.98
CA ILE A 373 -14.97 -1.69 -12.72
C ILE A 373 -14.01 -2.19 -11.64
N ARG A 374 -13.63 -1.35 -10.67
CA ARG A 374 -12.83 -1.75 -9.55
C ARG A 374 -13.69 -1.67 -8.26
N LEU A 375 -13.59 -2.71 -7.44
CA LEU A 375 -14.39 -2.85 -6.24
C LEU A 375 -13.48 -3.12 -5.06
N SER A 376 -13.66 -2.29 -4.02
CA SER A 376 -12.99 -2.50 -2.73
C SER A 376 -14.10 -3.06 -1.81
N VAL A 377 -13.98 -4.31 -1.45
CA VAL A 377 -15.01 -5.03 -0.69
C VAL A 377 -14.89 -4.67 0.76
N GLY A 378 -16.01 -4.23 1.37
CA GLY A 378 -16.04 -3.80 2.81
C GLY A 378 -16.53 -4.95 3.70
N LEU A 379 -17.01 -4.53 4.88
CA LEU A 379 -17.35 -5.43 5.98
C LEU A 379 -18.84 -5.67 6.07
N GLU A 380 -19.62 -5.19 5.10
CA GLU A 380 -21.06 -5.46 5.05
C GLU A 380 -21.34 -6.92 4.87
N ASP A 381 -22.61 -7.30 5.04
CA ASP A 381 -23.00 -8.65 4.71
C ASP A 381 -22.75 -8.85 3.21
N PRO A 382 -22.03 -9.92 2.86
CA PRO A 382 -21.80 -10.11 1.41
C PRO A 382 -23.05 -10.28 0.58
N GLU A 383 -24.13 -10.85 1.18
CA GLU A 383 -25.36 -11.02 0.48
C GLU A 383 -25.92 -9.69 0.06
N ASP A 384 -25.74 -8.66 0.90
CA ASP A 384 -26.26 -7.33 0.55
C ASP A 384 -25.44 -6.69 -0.58
N ILE A 385 -24.13 -6.89 -0.52
CA ILE A 385 -23.27 -6.37 -1.63
C ILE A 385 -23.61 -7.08 -2.96
N ILE A 386 -23.76 -8.40 -2.91
CA ILE A 386 -24.13 -9.18 -4.08
C ILE A 386 -25.45 -8.73 -4.64
N ASN A 387 -26.46 -8.50 -3.74
CA ASN A 387 -27.73 -8.05 -4.24
CA ASN A 387 -27.75 -8.08 -4.23
C ASN A 387 -27.67 -6.73 -4.90
N ASP A 388 -26.85 -5.85 -4.34
CA ASP A 388 -26.69 -4.50 -4.87
C ASP A 388 -26.01 -4.56 -6.27
N LEU A 389 -24.96 -5.37 -6.37
CA LEU A 389 -24.28 -5.58 -7.67
C LEU A 389 -25.21 -6.21 -8.65
N GLU A 390 -25.96 -7.23 -8.23
CA GLU A 390 -26.87 -7.90 -9.13
C GLU A 390 -27.90 -6.96 -9.71
N HIS A 391 -28.47 -6.13 -8.84
CA HIS A 391 -29.46 -5.18 -9.25
C HIS A 391 -28.88 -4.17 -10.25
N ALA A 392 -27.71 -3.66 -9.93
CA ALA A 392 -27.06 -2.67 -10.79
C ALA A 392 -26.61 -3.28 -12.13
N ILE A 393 -26.02 -4.47 -12.11
CA ILE A 393 -25.68 -5.15 -13.39
C ILE A 393 -26.89 -5.38 -14.26
N ARG A 394 -28.01 -5.86 -13.66
CA ARG A 394 -29.22 -6.07 -14.42
C ARG A 394 -29.70 -4.80 -15.07
N LYS A 395 -29.66 -3.72 -14.33
CA LYS A 395 -30.07 -2.45 -14.84
C LYS A 395 -29.15 -1.98 -15.96
N ALA A 396 -27.86 -2.14 -15.77
CA ALA A 396 -26.88 -1.59 -16.71
C ALA A 396 -26.90 -2.28 -18.08
N THR A 397 -27.39 -3.51 -18.12
CA THR A 397 -27.33 -4.33 -19.30
C THR A 397 -28.75 -4.55 -19.79
#